data_5VS7
#
_entry.id   5VS7
#
_cell.length_a   40.110
_cell.length_b   41.510
_cell.length_c   73.090
_cell.angle_alpha   90.000
_cell.angle_beta   90.000
_cell.angle_gamma   90.000
#
_symmetry.space_group_name_H-M   'P 21 21 21'
#
loop_
_entity.id
_entity.type
_entity.pdbx_description
1 polymer 'Bromodomain protein, putative'
2 polymer 'H4K5ac peptide'
3 non-polymer 'CHLORIDE ION'
4 water water
#
loop_
_entity_poly.entity_id
_entity_poly.type
_entity_poly.pdbx_seq_one_letter_code
_entity_poly.pdbx_strand_id
1 'polypeptide(L)'
;GYDEIEELKSKNEVLTNLLNKLIAFDKKRIFLYPVNVQLVPDYLNVIKEPMDFTTMKQKLQNFKYKSFQEFEKDVLLIIN
NCYTYNDPSTIYYKFAEDIETYYKKLNIKIQTKYMNIHL
;
A
2 'polypeptide(L)' GRG(ALY)GGK P
#
loop_
_chem_comp.id
_chem_comp.type
_chem_comp.name
_chem_comp.formula
CL non-polymer 'CHLORIDE ION' 'Cl -1'
#
# COMPACT_ATOMS: atom_id res chain seq x y z
N GLY A 1 -13.38 -24.60 -5.89
CA GLY A 1 -14.75 -24.82 -5.49
C GLY A 1 -15.24 -23.80 -4.49
N TYR A 2 -16.48 -23.96 -4.01
CA TYR A 2 -17.10 -23.05 -3.05
C TYR A 2 -16.19 -22.75 -1.88
N ASP A 3 -15.68 -23.79 -1.23
CA ASP A 3 -14.83 -23.61 -0.06
C ASP A 3 -13.58 -22.75 -0.34
N GLU A 4 -13.00 -22.86 -1.54
CA GLU A 4 -11.78 -22.12 -1.87
C GLU A 4 -12.07 -20.63 -2.15
N ILE A 5 -13.15 -20.32 -2.88
CA ILE A 5 -13.56 -18.93 -3.14
C ILE A 5 -14.04 -18.27 -1.82
N GLU A 6 -14.68 -19.06 -0.93
CA GLU A 6 -15.07 -18.54 0.38
C GLU A 6 -13.85 -18.12 1.18
N GLU A 7 -12.80 -18.95 1.17
CA GLU A 7 -11.56 -18.64 1.86
C GLU A 7 -10.97 -17.36 1.29
N LEU A 8 -10.81 -17.29 -0.05
CA LEU A 8 -10.26 -16.11 -0.71
C LEU A 8 -11.06 -14.88 -0.39
N LYS A 9 -12.39 -14.99 -0.32
CA LYS A 9 -13.22 -13.82 0.00
C LYS A 9 -12.97 -13.34 1.44
N SER A 10 -12.94 -14.27 2.43
CA SER A 10 -12.72 -13.90 3.83
C SER A 10 -11.32 -13.32 4.05
N LYS A 11 -10.34 -13.76 3.25
CA LYS A 11 -8.98 -13.23 3.35
C LYS A 11 -8.92 -11.82 2.77
N ASN A 12 -9.59 -11.59 1.62
CA ASN A 12 -9.68 -10.27 1.01
C ASN A 12 -10.29 -9.25 1.97
N GLU A 13 -11.30 -9.67 2.76
CA GLU A 13 -11.95 -8.80 3.74
C GLU A 13 -10.94 -8.29 4.79
N VAL A 14 -9.96 -9.13 5.19
CA VAL A 14 -8.94 -8.74 6.15
C VAL A 14 -7.96 -7.75 5.52
N LEU A 15 -7.54 -8.02 4.26
CA LEU A 15 -6.65 -7.13 3.51
C LEU A 15 -7.30 -5.79 3.25
N THR A 16 -8.61 -5.79 2.98
CA THR A 16 -9.36 -4.55 2.67
C THR A 16 -9.42 -3.67 3.88
N ASN A 17 -9.82 -4.21 5.02
CA ASN A 17 -9.87 -3.46 6.28
C ASN A 17 -8.51 -2.80 6.60
N LEU A 18 -7.39 -3.51 6.29
CA LEU A 18 -6.06 -2.95 6.52
C LEU A 18 -5.75 -1.83 5.54
N LEU A 19 -6.13 -1.99 4.26
CA LEU A 19 -5.91 -0.95 3.25
C LEU A 19 -6.74 0.29 3.56
N ASN A 20 -7.95 0.10 4.09
CA ASN A 20 -8.81 1.23 4.43
C ASN A 20 -8.27 2.01 5.62
N LYS A 21 -7.62 1.34 6.57
CA LYS A 21 -6.95 1.99 7.69
C LYS A 21 -5.74 2.80 7.18
N LEU A 22 -4.99 2.25 6.22
CA LEU A 22 -3.87 2.96 5.60
C LEU A 22 -4.36 4.17 4.78
N ILE A 23 -5.47 4.01 4.04
CA ILE A 23 -6.03 5.13 3.28
C ILE A 23 -6.54 6.20 4.23
N ALA A 24 -7.21 5.80 5.33
CA ALA A 24 -7.71 6.76 6.33
C ALA A 24 -6.57 7.53 6.98
N PHE A 25 -5.49 6.84 7.36
CA PHE A 25 -4.31 7.48 7.98
C PHE A 25 -3.66 8.50 7.03
N ASP A 26 -3.73 8.26 5.71
CA ASP A 26 -3.21 9.16 4.67
C ASP A 26 -4.30 10.25 4.37
N LYS A 27 -4.49 11.19 5.31
CA LYS A 27 -5.51 12.25 5.21
C LYS A 27 -5.31 13.20 4.00
N LYS A 28 -4.04 13.44 3.61
CA LYS A 28 -3.74 14.30 2.45
C LYS A 28 -3.80 13.54 1.13
N ARG A 29 -4.09 12.23 1.18
CA ARG A 29 -4.17 11.34 0.01
C ARG A 29 -2.93 11.44 -0.85
N ILE A 30 -1.77 11.39 -0.21
CA ILE A 30 -0.49 11.42 -0.90
C ILE A 30 -0.29 10.11 -1.68
N PHE A 31 -0.75 9.00 -1.13
CA PHE A 31 -0.55 7.67 -1.67
C PHE A 31 -1.83 7.02 -2.27
N LEU A 32 -2.94 7.72 -2.29
CA LEU A 32 -4.20 7.14 -2.78
C LEU A 32 -4.20 6.86 -4.27
N TYR A 33 -3.61 7.75 -5.07
CA TYR A 33 -3.60 7.61 -6.52
C TYR A 33 -2.20 7.64 -7.03
N PRO A 34 -1.95 7.14 -8.25
CA PRO A 34 -0.60 7.23 -8.80
C PRO A 34 -0.10 8.66 -8.79
N VAL A 35 1.20 8.82 -8.65
CA VAL A 35 1.80 10.15 -8.67
C VAL A 35 1.55 10.72 -10.05
N ASN A 36 1.10 11.96 -10.11
CA ASN A 36 0.73 12.65 -11.32
C ASN A 36 1.99 13.07 -12.11
N VAL A 37 2.19 12.44 -13.26
CA VAL A 37 3.36 12.67 -14.13
C VAL A 37 3.27 14.04 -14.80
N GLN A 38 2.07 14.63 -14.89
CA GLN A 38 1.94 16.00 -15.41
C GLN A 38 2.50 16.99 -14.36
N LEU A 39 2.34 16.70 -13.03
CA LEU A 39 2.97 17.54 -11.99
C LEU A 39 4.44 17.19 -11.75
N VAL A 40 4.81 15.90 -11.90
CA VAL A 40 6.18 15.43 -11.63
C VAL A 40 6.71 14.67 -12.88
N PRO A 41 7.08 15.40 -13.96
CA PRO A 41 7.48 14.70 -15.22
C PRO A 41 8.63 13.69 -15.12
N ASP A 42 9.60 13.87 -14.18
CA ASP A 42 10.72 12.91 -14.05
C ASP A 42 10.42 11.73 -13.06
N TYR A 43 9.21 11.67 -12.49
CA TYR A 43 8.89 10.65 -11.49
C TYR A 43 9.20 9.24 -11.96
N LEU A 44 8.64 8.83 -13.10
CA LEU A 44 8.78 7.47 -13.60
C LEU A 44 10.18 7.16 -14.14
N ASN A 45 11.03 8.19 -14.35
CA ASN A 45 12.43 7.96 -14.73
C ASN A 45 13.22 7.49 -13.49
N VAL A 46 12.70 7.78 -12.29
CA VAL A 46 13.31 7.40 -11.01
C VAL A 46 12.61 6.18 -10.43
N ILE A 47 11.26 6.14 -10.49
CA ILE A 47 10.48 5.04 -9.91
C ILE A 47 10.09 4.07 -10.99
N LYS A 48 10.65 2.87 -10.93
CA LYS A 48 10.44 1.83 -11.93
C LYS A 48 9.18 0.99 -11.65
N GLU A 49 8.69 1.00 -10.40
CA GLU A 49 7.47 0.29 -10.05
C GLU A 49 6.59 1.19 -9.23
N PRO A 50 5.86 2.12 -9.86
CA PRO A 50 4.96 2.98 -9.09
C PRO A 50 3.84 2.17 -8.45
N MET A 51 3.46 2.55 -7.22
CA MET A 51 2.36 1.89 -6.51
C MET A 51 1.59 2.94 -5.71
N ASP A 52 0.32 2.67 -5.45
CA ASP A 52 -0.60 3.57 -4.78
C ASP A 52 -1.74 2.71 -4.23
N PHE A 53 -2.51 3.24 -3.28
CA PHE A 53 -3.58 2.45 -2.67
C PHE A 53 -4.71 2.12 -3.62
N THR A 54 -5.01 2.95 -4.63
CA THR A 54 -6.11 2.64 -5.53
C THR A 54 -5.77 1.44 -6.40
N THR A 55 -4.52 1.34 -6.84
CA THR A 55 -4.06 0.16 -7.56
C THR A 55 -4.19 -1.08 -6.68
N MET A 56 -3.91 -0.96 -5.38
CA MET A 56 -4.02 -2.10 -4.48
C MET A 56 -5.52 -2.55 -4.34
N LYS A 57 -6.46 -1.58 -4.31
CA LYS A 57 -7.90 -1.90 -4.26
C LYS A 57 -8.31 -2.70 -5.51
N GLN A 58 -7.72 -2.37 -6.70
CA GLN A 58 -8.03 -3.08 -7.96
C GLN A 58 -7.49 -4.51 -7.93
N LYS A 59 -6.27 -4.68 -7.40
CA LYS A 59 -5.68 -6.02 -7.26
C LYS A 59 -6.59 -6.83 -6.35
N LEU A 60 -7.12 -6.19 -5.27
CA LEU A 60 -8.02 -6.87 -4.33
C LEU A 60 -9.32 -7.28 -4.99
N GLN A 61 -9.94 -6.41 -5.77
CA GLN A 61 -11.21 -6.78 -6.38
C GLN A 61 -11.00 -7.88 -7.44
N ASN A 62 -9.78 -7.98 -8.00
CA ASN A 62 -9.46 -9.04 -8.95
C ASN A 62 -8.94 -10.30 -8.24
N PHE A 63 -8.89 -10.30 -6.87
CA PHE A 63 -8.33 -11.38 -6.04
C PHE A 63 -6.88 -11.68 -6.41
N LYS A 64 -6.11 -10.65 -6.74
CA LYS A 64 -4.72 -10.85 -7.14
C LYS A 64 -3.81 -11.26 -5.96
N TYR A 65 -4.08 -10.77 -4.72
CA TYR A 65 -3.27 -11.13 -3.57
C TYR A 65 -3.64 -12.53 -3.10
N LYS A 66 -2.67 -13.44 -3.14
CA LYS A 66 -2.85 -14.85 -2.72
C LYS A 66 -2.09 -15.17 -1.40
N SER A 67 -1.44 -14.15 -0.80
CA SER A 67 -0.74 -14.28 0.47
C SER A 67 -0.66 -12.90 1.11
N PHE A 68 -0.48 -12.84 2.44
CA PHE A 68 -0.31 -11.55 3.12
C PHE A 68 0.92 -10.86 2.59
N GLN A 69 2.01 -11.62 2.41
CA GLN A 69 3.29 -11.09 1.92
C GLN A 69 3.15 -10.29 0.60
N GLU A 70 2.32 -10.78 -0.36
CA GLU A 70 2.08 -10.07 -1.63
C GLU A 70 1.43 -8.69 -1.39
N PHE A 71 0.54 -8.58 -0.36
CA PHE A 71 -0.06 -7.30 0.01
C PHE A 71 0.99 -6.40 0.59
N GLU A 72 1.73 -6.88 1.61
CA GLU A 72 2.80 -6.14 2.31
C GLU A 72 3.83 -5.59 1.35
N LYS A 73 4.27 -6.40 0.38
CA LYS A 73 5.19 -5.95 -0.66
C LYS A 73 4.74 -4.62 -1.26
N ASP A 74 3.43 -4.49 -1.58
CA ASP A 74 2.91 -3.26 -2.18
C ASP A 74 2.86 -2.09 -1.25
N VAL A 75 2.61 -2.31 0.06
CA VAL A 75 2.61 -1.23 1.07
C VAL A 75 4.01 -0.67 1.20
N LEU A 76 4.97 -1.57 1.34
CA LEU A 76 6.37 -1.21 1.51
C LEU A 76 6.98 -0.70 0.23
N LEU A 77 6.36 -1.00 -0.94
CA LEU A 77 6.80 -0.44 -2.21
C LEU A 77 6.43 1.03 -2.24
N ILE A 78 5.18 1.35 -1.85
CA ILE A 78 4.72 2.73 -1.80
C ILE A 78 5.69 3.54 -0.91
N ILE A 79 5.99 3.01 0.28
CA ILE A 79 6.84 3.70 1.28
C ILE A 79 8.27 3.90 0.76
N ASN A 80 8.88 2.84 0.23
CA ASN A 80 10.26 2.90 -0.26
C ASN A 80 10.36 3.69 -1.58
N ASN A 81 9.26 3.81 -2.35
CA ASN A 81 9.23 4.70 -3.54
C ASN A 81 9.30 6.16 -3.07
N CYS A 82 8.57 6.49 -2.00
CA CYS A 82 8.54 7.82 -1.46
C CYS A 82 9.93 8.23 -0.90
N TYR A 83 10.63 7.29 -0.27
CA TYR A 83 11.98 7.56 0.24
C TYR A 83 12.96 7.73 -0.90
N THR A 84 12.77 6.98 -2.01
CA THR A 84 13.67 7.01 -3.18
C THR A 84 13.55 8.30 -3.96
N TYR A 85 12.34 8.79 -4.18
CA TYR A 85 12.15 9.99 -4.98
C TYR A 85 12.39 11.28 -4.18
N ASN A 86 11.78 11.37 -3.00
CA ASN A 86 11.77 12.63 -2.25
C ASN A 86 12.95 12.82 -1.33
N ASP A 87 13.36 14.06 -1.17
CA ASP A 87 14.45 14.46 -0.28
C ASP A 87 13.95 14.33 1.19
N PRO A 88 14.83 14.00 2.18
CA PRO A 88 14.32 13.79 3.55
C PRO A 88 13.80 15.05 4.25
N SER A 89 13.92 16.22 3.64
CA SER A 89 13.45 17.47 4.23
C SER A 89 12.01 17.74 3.90
N THR A 90 11.40 16.95 3.03
CA THR A 90 10.05 17.22 2.50
C THR A 90 8.94 16.57 3.31
N ILE A 91 7.72 17.13 3.20
CA ILE A 91 6.52 16.60 3.84
C ILE A 91 6.25 15.16 3.34
N TYR A 92 6.59 14.86 2.08
CA TYR A 92 6.33 13.54 1.50
C TYR A 92 7.13 12.50 2.24
N TYR A 93 8.42 12.74 2.39
CA TYR A 93 9.30 11.81 3.09
C TYR A 93 8.81 11.59 4.55
N LYS A 94 8.42 12.67 5.26
CA LYS A 94 7.91 12.53 6.62
C LYS A 94 6.62 11.71 6.67
N PHE A 95 5.70 11.94 5.73
CA PHE A 95 4.44 11.17 5.70
C PHE A 95 4.69 9.66 5.45
N ALA A 96 5.65 9.31 4.57
CA ALA A 96 6.03 7.90 4.38
C ALA A 96 6.52 7.28 5.69
N GLU A 97 7.40 7.99 6.42
CA GLU A 97 7.89 7.55 7.75
C GLU A 97 6.75 7.34 8.72
N ASP A 98 5.76 8.24 8.68
CA ASP A 98 4.60 8.16 9.56
C ASP A 98 3.73 6.97 9.23
N ILE A 99 3.51 6.69 7.93
CA ILE A 99 2.68 5.54 7.53
C ILE A 99 3.45 4.21 7.73
N GLU A 100 4.79 4.24 7.60
CA GLU A 100 5.59 3.06 7.93
C GLU A 100 5.46 2.75 9.42
N THR A 101 5.43 3.77 10.26
CA THR A 101 5.26 3.59 11.71
C THR A 101 3.86 3.00 12.00
N TYR A 102 2.84 3.59 11.41
CA TYR A 102 1.45 3.13 11.57
C TYR A 102 1.31 1.67 11.09
N TYR A 103 1.85 1.36 9.91
CA TYR A 103 1.74 0.02 9.37
C TYR A 103 2.42 -1.00 10.27
N LYS A 104 3.62 -0.69 10.75
CA LYS A 104 4.37 -1.58 11.64
C LYS A 104 3.67 -1.79 13.00
N LYS A 105 2.84 -0.83 13.43
CA LYS A 105 2.03 -0.96 14.65
C LYS A 105 0.83 -1.95 14.42
N LEU A 106 0.34 -2.09 13.18
CA LEU A 106 -0.84 -2.90 12.88
C LEU A 106 -0.57 -4.28 12.35
N ASN A 107 0.45 -4.44 11.50
CA ASN A 107 0.57 -5.63 10.65
C ASN A 107 0.64 -6.97 11.39
N ILE A 108 1.25 -7.03 12.59
CA ILE A 108 1.34 -8.32 13.30
C ILE A 108 -0.07 -8.93 13.56
N LYS A 109 -1.00 -8.13 14.12
CA LYS A 109 -2.36 -8.60 14.43
C LYS A 109 -3.17 -8.90 13.15
N ILE A 110 -3.04 -8.06 12.11
CA ILE A 110 -3.79 -8.26 10.86
C ILE A 110 -3.27 -9.52 10.13
N GLN A 111 -1.93 -9.67 10.07
CA GLN A 111 -1.25 -10.84 9.49
C GLN A 111 -1.71 -12.12 10.21
N THR A 112 -1.88 -12.09 11.54
CA THR A 112 -2.36 -13.26 12.26
C THR A 112 -3.82 -13.51 11.92
N LYS A 113 -4.64 -12.46 11.92
CA LYS A 113 -6.06 -12.58 11.57
C LYS A 113 -6.24 -13.16 10.14
N TYR A 114 -5.25 -12.91 9.24
CA TYR A 114 -5.28 -13.43 7.86
C TYR A 114 -5.01 -14.93 7.84
N MET A 115 -3.92 -15.38 8.53
CA MET A 115 -3.60 -16.81 8.57
C MET A 115 -4.71 -17.61 9.24
N ASN A 116 -5.36 -17.01 10.27
CA ASN A 116 -6.43 -17.66 11.03
C ASN A 116 -7.69 -17.96 10.18
N ILE A 117 -7.85 -17.32 8.98
CA ILE A 117 -9.00 -17.62 8.10
C ILE A 117 -8.91 -19.10 7.66
N HIS A 118 -7.71 -19.54 7.19
CA HIS A 118 -7.49 -20.92 6.76
C HIS A 118 -6.90 -21.82 7.90
N LEU A 119 -7.24 -21.51 9.17
CA LEU A 119 -6.75 -22.31 10.32
C LEU A 119 -7.54 -23.62 10.43
N GLY B 1 15.84 12.26 -7.53
CA GLY B 1 14.65 12.93 -8.05
C GLY B 1 14.75 14.44 -8.02
N ARG B 2 14.00 15.12 -8.91
CA ARG B 2 13.99 16.59 -8.97
C ARG B 2 13.28 17.18 -7.76
N GLY B 3 12.11 16.65 -7.45
CA GLY B 3 11.30 17.09 -6.31
C GLY B 3 9.90 17.44 -6.73
OH ALY B 4 6.36 10.58 -3.79
CH ALY B 4 5.22 11.03 -3.74
CH3 ALY B 4 4.10 10.26 -3.10
NZ ALY B 4 4.89 12.20 -4.26
CE ALY B 4 5.82 12.97 -5.09
CD ALY B 4 5.79 14.42 -4.75
CG ALY B 4 6.72 15.28 -5.57
CB ALY B 4 6.56 16.76 -5.29
CA ALY B 4 7.56 17.63 -6.07
N ALY B 4 8.96 17.33 -5.81
C ALY B 4 7.23 19.12 -5.83
O ALY B 4 7.03 19.86 -6.78
N GLY B 5 7.18 19.54 -4.55
CA GLY B 5 6.83 20.90 -4.16
C GLY B 5 7.88 21.94 -4.53
CL CL C . -1.65 13.03 6.26
CL CL D . 7.25 19.57 0.82
#